data_1KTX
#
_entry.id   1KTX
#
_cell.length_a   1.000
_cell.length_b   1.000
_cell.length_c   1.000
_cell.angle_alpha   90.00
_cell.angle_beta   90.00
_cell.angle_gamma   90.00
#
_symmetry.space_group_name_H-M   'P 1'
#
_entity_poly.entity_id   1
_entity_poly.type   'polypeptide(L)'
_entity_poly.pdbx_seq_one_letter_code
;GVEINVKCSGSPQCLKPCKDAGMRFGKCMNRKCHCTP(NH2)
;
_entity_poly.pdbx_strand_id   A
#
# COMPACT_ATOMS: atom_id res chain seq x y z
N GLY A 1 -1.46 7.05 12.48
CA GLY A 1 -1.31 7.80 11.23
C GLY A 1 -0.66 6.93 10.14
N VAL A 2 -1.50 6.33 9.30
CA VAL A 2 -1.01 5.46 8.19
C VAL A 2 -1.54 5.95 6.82
N GLU A 3 -1.27 7.22 6.54
CA GLU A 3 -1.66 7.83 5.24
C GLU A 3 -0.59 8.84 4.82
N ILE A 4 0.61 8.39 4.42
CA ILE A 4 1.67 9.38 4.07
C ILE A 4 1.85 9.49 2.52
N ASN A 5 0.86 9.07 1.72
CA ASN A 5 1.04 9.02 0.26
C ASN A 5 -0.26 8.66 -0.51
N VAL A 6 -0.33 9.16 -1.75
CA VAL A 6 -1.43 8.80 -2.68
C VAL A 6 -0.85 8.52 -4.09
N LYS A 7 0.16 7.62 -4.12
CA LYS A 7 0.88 7.21 -5.37
C LYS A 7 2.17 6.45 -5.00
N CYS A 8 2.07 5.16 -4.65
CA CYS A 8 3.27 4.34 -4.34
C CYS A 8 2.87 2.86 -4.44
N SER A 9 3.06 2.27 -5.62
CA SER A 9 2.77 0.84 -5.82
C SER A 9 4.09 0.05 -5.76
N GLY A 10 4.71 0.02 -4.57
CA GLY A 10 5.94 -0.76 -4.37
C GLY A 10 5.39 -2.01 -3.67
N SER A 11 4.85 -2.91 -4.49
CA SER A 11 4.20 -4.15 -4.04
C SER A 11 4.95 -4.84 -2.87
N PRO A 12 5.96 -5.74 -2.85
CA PRO A 12 6.59 -6.15 -1.57
C PRO A 12 7.32 -4.97 -0.88
N GLN A 13 6.46 -4.32 -0.11
CA GLN A 13 6.66 -3.08 0.65
C GLN A 13 5.25 -2.61 1.11
N CYS A 14 4.30 -2.55 0.19
CA CYS A 14 2.90 -2.24 0.48
C CYS A 14 2.16 -3.62 0.51
N LEU A 15 2.25 -4.26 -0.67
CA LEU A 15 1.62 -5.54 -0.91
C LEU A 15 2.19 -6.68 -0.09
N LYS A 16 3.46 -6.73 0.40
CA LYS A 16 3.82 -7.92 1.22
C LYS A 16 2.85 -7.98 2.44
N PRO A 17 2.77 -7.02 3.39
CA PRO A 17 1.72 -7.09 4.44
C PRO A 17 0.26 -7.03 3.88
N CYS A 18 -0.03 -6.33 2.76
CA CYS A 18 -1.38 -6.38 2.15
C CYS A 18 -1.37 -7.36 0.95
N LYS A 19 -0.87 -8.59 1.12
CA LYS A 19 -0.90 -9.63 0.05
C LYS A 19 -2.30 -10.32 0.14
N ASP A 20 -3.28 -9.41 0.09
CA ASP A 20 -4.71 -9.72 0.28
C ASP A 20 -5.64 -9.23 -0.85
N ALA A 21 -5.52 -7.97 -1.33
CA ALA A 21 -6.45 -7.46 -2.37
C ALA A 21 -5.73 -6.98 -3.65
N GLY A 22 -5.36 -5.69 -3.76
CA GLY A 22 -4.71 -5.14 -4.95
C GLY A 22 -3.37 -4.55 -4.53
N MET A 23 -2.73 -3.85 -5.46
CA MET A 23 -1.42 -3.26 -5.16
C MET A 23 -1.47 -1.81 -4.64
N ARG A 24 -2.48 -0.99 -4.97
CA ARG A 24 -2.45 0.42 -4.50
C ARG A 24 -3.79 1.20 -4.46
N PHE A 25 -3.58 2.31 -3.75
CA PHE A 25 -4.47 3.46 -3.52
C PHE A 25 -3.69 4.50 -2.62
N GLY A 26 -2.85 4.05 -1.66
CA GLY A 26 -2.06 4.96 -0.81
C GLY A 26 -0.95 4.26 0.00
N LYS A 27 0.22 4.92 0.04
CA LYS A 27 1.49 4.54 0.74
C LYS A 27 1.97 3.07 0.66
N CYS A 28 3.28 2.93 0.89
CA CYS A 28 3.99 1.65 0.90
C CYS A 28 4.96 1.67 2.11
N MET A 29 4.60 0.96 3.19
CA MET A 29 5.42 0.91 4.45
C MET A 29 5.07 2.11 5.34
N ASN A 30 4.68 1.78 6.58
CA ASN A 30 4.06 2.73 7.57
C ASN A 30 2.59 2.35 7.27
N ARG A 31 2.18 2.70 6.04
CA ARG A 31 0.94 2.26 5.45
C ARG A 31 1.43 1.22 4.42
N LYS A 32 0.96 0.01 4.63
CA LYS A 32 1.27 -1.14 3.74
C LYS A 32 -0.01 -1.00 2.94
N CYS A 33 0.13 -0.86 1.62
CA CYS A 33 -0.95 -0.18 0.85
C CYS A 33 -2.43 -0.29 1.25
N HIS A 34 -3.13 0.77 0.78
CA HIS A 34 -4.60 0.87 0.91
C HIS A 34 -4.81 0.27 -0.48
N CYS A 35 -5.04 -1.04 -0.47
CA CYS A 35 -5.03 -1.82 -1.71
C CYS A 35 -6.42 -1.94 -2.33
N THR A 36 -6.76 -0.85 -3.03
CA THR A 36 -8.05 -0.75 -3.75
C THR A 36 -7.75 -0.09 -5.12
N PRO A 37 -7.33 -0.82 -6.17
CA PRO A 37 -6.99 -0.22 -7.46
C PRO A 37 -8.22 -0.04 -8.36
N GLY A 1 -1.08 6.97 12.69
CA GLY A 1 -0.92 7.79 11.47
C GLY A 1 -0.37 6.94 10.32
N VAL A 2 -1.28 6.45 9.46
CA VAL A 2 -0.88 5.63 8.29
C VAL A 2 -1.51 6.20 6.99
N GLU A 3 -1.20 7.46 6.73
CA GLU A 3 -1.69 8.14 5.51
C GLU A 3 -0.59 9.05 4.96
N ILE A 4 0.51 8.47 4.46
CA ILE A 4 1.61 9.33 3.90
C ILE A 4 1.51 9.16 2.35
N ASN A 5 0.28 9.07 1.87
CA ASN A 5 0.01 8.63 0.51
C ASN A 5 -0.24 9.66 -0.60
N VAL A 6 0.68 9.62 -1.56
CA VAL A 6 0.58 10.43 -2.79
C VAL A 6 1.02 9.49 -3.95
N LYS A 7 0.33 8.34 -4.03
CA LYS A 7 0.59 7.28 -5.04
C LYS A 7 1.92 6.59 -4.68
N CYS A 8 1.87 5.35 -4.17
CA CYS A 8 3.09 4.66 -3.70
C CYS A 8 2.85 3.15 -3.87
N SER A 9 3.10 2.64 -5.08
CA SER A 9 2.89 1.21 -5.36
C SER A 9 4.24 0.45 -5.34
N GLY A 10 4.80 0.30 -4.13
CA GLY A 10 6.02 -0.48 -3.94
C GLY A 10 5.46 -1.78 -3.38
N SER A 11 4.95 -2.62 -4.30
CA SER A 11 4.29 -3.91 -3.97
C SER A 11 5.02 -4.68 -2.82
N PRO A 12 5.97 -5.63 -2.83
CA PRO A 12 6.55 -6.14 -1.55
C PRO A 12 7.26 -5.02 -0.76
N GLN A 13 6.37 -4.45 0.07
CA GLN A 13 6.55 -3.27 0.93
C GLN A 13 5.13 -2.85 1.38
N CYS A 14 4.22 -2.72 0.41
CA CYS A 14 2.81 -2.45 0.66
C CYS A 14 2.09 -3.81 0.54
N LEU A 15 2.27 -4.40 -0.65
CA LEU A 15 1.64 -5.64 -1.02
C LEU A 15 2.17 -6.84 -0.24
N LYS A 16 3.43 -6.94 0.25
CA LYS A 16 3.75 -8.15 1.07
C LYS A 16 2.76 -8.14 2.28
N PRO A 17 2.71 -7.10 3.14
CA PRO A 17 1.67 -6.99 4.20
C PRO A 17 0.21 -7.16 3.70
N CYS A 18 -0.16 -6.53 2.56
CA CYS A 18 -1.49 -6.69 1.96
C CYS A 18 -1.45 -7.68 0.76
N LYS A 19 -0.86 -8.88 0.94
CA LYS A 19 -0.89 -9.92 -0.14
C LYS A 19 -2.25 -10.66 -0.01
N ASP A 20 -3.28 -9.82 -0.04
CA ASP A 20 -4.67 -10.19 0.19
C ASP A 20 -5.69 -9.49 -0.74
N ALA A 21 -5.51 -8.21 -1.14
CA ALA A 21 -6.51 -7.51 -1.96
C ALA A 21 -6.06 -7.26 -3.42
N GLY A 22 -5.36 -6.15 -3.73
CA GLY A 22 -4.97 -5.86 -5.12
C GLY A 22 -3.53 -5.38 -5.26
N MET A 23 -3.37 -4.05 -5.22
CA MET A 23 -2.04 -3.45 -5.40
C MET A 23 -1.94 -2.11 -4.64
N ARG A 24 -2.63 -1.07 -5.12
CA ARG A 24 -2.52 0.26 -4.50
C ARG A 24 -3.85 1.06 -4.52
N PHE A 25 -3.71 2.13 -3.76
CA PHE A 25 -4.62 3.27 -3.59
C PHE A 25 -3.87 4.31 -2.70
N GLY A 26 -3.08 3.88 -1.68
CA GLY A 26 -2.33 4.83 -0.85
C GLY A 26 -1.16 4.20 -0.04
N LYS A 27 -0.01 4.91 -0.12
CA LYS A 27 1.28 4.64 0.57
C LYS A 27 1.86 3.21 0.42
N CYS A 28 3.17 3.10 0.66
CA CYS A 28 3.94 1.83 0.67
C CYS A 28 4.93 1.87 1.85
N MET A 29 4.58 1.16 2.94
CA MET A 29 5.39 1.09 4.20
C MET A 29 5.18 2.38 5.02
N ASN A 30 4.78 2.16 6.27
CA ASN A 30 4.26 3.19 7.23
C ASN A 30 2.79 2.75 7.06
N ARG A 31 2.24 3.08 5.87
CA ARG A 31 0.98 2.51 5.42
C ARG A 31 1.48 1.50 4.38
N LYS A 32 1.08 0.27 4.61
CA LYS A 32 1.41 -0.88 3.73
C LYS A 32 0.06 -0.85 3.01
N CYS A 33 0.14 -0.77 1.68
CA CYS A 33 -0.98 -0.19 0.90
C CYS A 33 -2.45 -0.36 1.32
N HIS A 34 -3.19 0.65 0.83
CA HIS A 34 -4.66 0.67 0.94
C HIS A 34 -4.83 0.08 -0.49
N CYS A 35 -4.99 -1.23 -0.54
CA CYS A 35 -4.96 -1.96 -1.81
C CYS A 35 -6.37 -2.08 -2.40
N THR A 36 -6.73 -1.03 -3.15
CA THR A 36 -8.06 -0.94 -3.79
C THR A 36 -7.83 -0.39 -5.21
N PRO A 37 -7.49 -1.21 -6.23
CA PRO A 37 -7.19 -0.70 -7.59
C PRO A 37 -8.46 -0.57 -8.45
N GLY A 1 -0.57 9.33 11.26
CA GLY A 1 -0.64 7.92 11.65
C GLY A 1 -0.18 7.00 10.51
N VAL A 2 -1.13 6.49 9.73
CA VAL A 2 -0.81 5.63 8.57
C VAL A 2 -1.49 6.17 7.29
N GLU A 3 -1.14 7.41 6.94
CA GLU A 3 -1.70 8.04 5.72
C GLU A 3 -0.63 8.90 5.05
N ILE A 4 0.43 8.30 4.50
CA ILE A 4 1.47 9.15 3.81
C ILE A 4 1.30 8.93 2.29
N ASN A 5 0.04 8.85 1.88
CA ASN A 5 -0.31 8.37 0.55
C ASN A 5 -0.67 9.36 -0.56
N VAL A 6 0.26 9.46 -1.53
CA VAL A 6 0.05 10.26 -2.74
C VAL A 6 0.61 9.36 -3.86
N LYS A 7 -0.15 8.29 -4.18
CA LYS A 7 0.21 7.26 -5.21
C LYS A 7 1.52 6.54 -4.76
N CYS A 8 1.42 5.25 -4.44
CA CYS A 8 2.58 4.53 -3.89
C CYS A 8 2.48 3.03 -4.22
N SER A 9 3.03 2.64 -5.37
CA SER A 9 2.98 1.22 -5.80
C SER A 9 4.30 0.48 -5.52
N GLY A 10 4.70 0.39 -4.24
CA GLY A 10 5.87 -0.40 -3.85
C GLY A 10 5.19 -1.66 -3.31
N SER A 11 4.77 -2.52 -4.24
CA SER A 11 4.02 -3.77 -3.92
C SER A 11 4.78 -4.59 -2.85
N PRO A 12 5.68 -5.60 -2.98
CA PRO A 12 6.36 -6.16 -1.77
C PRO A 12 7.21 -5.09 -1.05
N GLN A 13 6.42 -4.48 -0.17
CA GLN A 13 6.70 -3.33 0.67
C GLN A 13 5.36 -3.05 1.35
N CYS A 14 4.32 -2.78 0.56
CA CYS A 14 2.97 -2.65 1.10
C CYS A 14 2.29 -3.98 0.83
N LEU A 15 2.21 -4.36 -0.45
CA LEU A 15 1.54 -5.56 -0.85
C LEU A 15 2.10 -6.83 -0.21
N LYS A 16 3.30 -6.89 0.39
CA LYS A 16 3.67 -8.15 1.10
C LYS A 16 2.67 -8.21 2.30
N PRO A 17 2.66 -7.34 3.34
CA PRO A 17 1.61 -7.39 4.38
C PRO A 17 0.14 -7.22 3.86
N CYS A 18 -0.06 -6.50 2.74
CA CYS A 18 -1.39 -6.28 2.12
C CYS A 18 -1.61 -7.18 0.87
N LYS A 19 -0.99 -8.39 0.70
CA LYS A 19 -1.30 -9.25 -0.50
C LYS A 19 -2.57 -10.08 -0.18
N ASP A 20 -3.57 -9.25 0.05
CA ASP A 20 -4.94 -9.59 0.40
C ASP A 20 -5.94 -8.83 -0.52
N ALA A 21 -5.52 -7.86 -1.37
CA ALA A 21 -6.46 -7.11 -2.22
C ALA A 21 -5.92 -6.94 -3.66
N GLY A 22 -5.13 -5.90 -4.00
CA GLY A 22 -4.67 -5.73 -5.40
C GLY A 22 -3.20 -5.36 -5.53
N MET A 23 -2.97 -4.05 -5.52
CA MET A 23 -1.62 -3.49 -5.69
C MET A 23 -1.50 -2.23 -4.84
N ARG A 24 -2.17 -1.14 -5.24
CA ARG A 24 -2.07 0.13 -4.48
C ARG A 24 -3.40 0.93 -4.45
N PHE A 25 -3.27 2.03 -3.69
CA PHE A 25 -4.27 3.12 -3.53
C PHE A 25 -3.92 3.94 -2.25
N GLY A 26 -3.15 3.41 -1.27
CA GLY A 26 -2.81 4.20 -0.08
C GLY A 26 -1.48 3.83 0.58
N LYS A 27 -0.41 4.50 0.13
CA LYS A 27 0.97 4.37 0.66
C LYS A 27 1.62 2.97 0.44
N CYS A 28 2.95 2.92 0.53
CA CYS A 28 3.71 1.66 0.45
C CYS A 28 4.80 1.70 1.55
N MET A 29 4.47 1.15 2.74
CA MET A 29 5.36 1.09 3.94
C MET A 29 5.23 2.37 4.80
N ASN A 30 5.12 2.13 6.12
CA ASN A 30 4.75 3.16 7.15
C ASN A 30 3.28 2.72 7.25
N ARG A 31 2.55 3.06 6.18
CA ARG A 31 1.24 2.53 5.91
C ARG A 31 1.54 1.58 4.74
N LYS A 32 1.04 0.37 4.89
CA LYS A 32 1.18 -0.68 3.87
C LYS A 32 -0.18 -0.53 3.18
N CYS A 33 -0.10 -0.64 1.86
CA CYS A 33 -1.13 -0.19 0.94
C CYS A 33 -2.57 -0.39 1.37
N HIS A 34 -3.35 0.54 0.82
CA HIS A 34 -4.81 0.47 0.88
C HIS A 34 -4.80 -0.13 -0.54
N CYS A 35 -4.76 -1.47 -0.64
CA CYS A 35 -4.46 -2.11 -1.93
C CYS A 35 -5.76 -2.36 -2.70
N THR A 36 -6.26 -1.28 -3.30
CA THR A 36 -7.52 -1.32 -4.06
C THR A 36 -7.31 -0.51 -5.37
N PRO A 37 -6.82 -1.11 -6.48
CA PRO A 37 -6.54 -0.37 -7.72
C PRO A 37 -7.78 -0.29 -8.63
N GLY A 1 -1.55 7.21 12.73
CA GLY A 1 -1.20 7.96 11.51
C GLY A 1 -0.63 7.03 10.45
N VAL A 2 -1.49 6.60 9.51
CA VAL A 2 -1.06 5.72 8.40
C VAL A 2 -1.55 6.25 7.04
N GLU A 3 -1.16 7.49 6.75
CA GLU A 3 -1.51 8.13 5.46
C GLU A 3 -0.32 9.00 5.05
N ILE A 4 0.79 8.41 4.58
CA ILE A 4 1.95 9.28 4.22
C ILE A 4 2.08 9.43 2.68
N ASN A 5 1.03 9.11 1.90
CA ASN A 5 1.14 9.09 0.43
C ASN A 5 -0.19 8.79 -0.30
N VAL A 6 -0.30 9.31 -1.52
CA VAL A 6 -1.45 8.99 -2.40
C VAL A 6 -0.96 8.69 -3.84
N LYS A 7 0.02 7.78 -3.94
CA LYS A 7 0.64 7.33 -5.21
C LYS A 7 2.00 6.63 -4.91
N CYS A 8 1.98 5.31 -4.66
CA CYS A 8 3.23 4.54 -4.42
C CYS A 8 2.89 3.07 -4.59
N SER A 9 3.17 2.52 -5.78
CA SER A 9 2.89 1.09 -6.03
C SER A 9 4.16 0.24 -5.84
N GLY A 10 4.66 0.20 -4.59
CA GLY A 10 5.78 -0.65 -4.24
C GLY A 10 5.04 -1.80 -3.56
N SER A 11 4.48 -2.69 -4.39
CA SER A 11 3.67 -3.83 -3.91
C SER A 11 4.49 -4.63 -2.87
N PRO A 12 5.39 -5.63 -3.01
CA PRO A 12 6.14 -6.17 -1.85
C PRO A 12 7.03 -5.10 -1.20
N GLN A 13 6.30 -4.45 -0.29
CA GLN A 13 6.66 -3.27 0.49
C GLN A 13 5.35 -2.93 1.24
N CYS A 14 4.28 -2.65 0.49
CA CYS A 14 2.96 -2.46 1.10
C CYS A 14 2.23 -3.79 0.92
N LEU A 15 2.10 -4.18 -0.36
CA LEU A 15 1.42 -5.40 -0.72
C LEU A 15 2.06 -6.64 -0.05
N LYS A 16 3.32 -6.66 0.44
CA LYS A 16 3.77 -7.87 1.18
C LYS A 16 2.77 -8.04 2.39
N PRO A 17 2.68 -7.16 3.42
CA PRO A 17 1.61 -7.28 4.44
C PRO A 17 0.15 -7.29 3.89
N CYS A 18 -0.14 -6.57 2.79
CA CYS A 18 -1.48 -6.60 2.15
C CYS A 18 -1.46 -7.54 0.91
N LYS A 19 -0.87 -8.74 1.00
CA LYS A 19 -0.92 -9.72 -0.14
C LYS A 19 -2.27 -10.48 -0.05
N ASP A 20 -3.27 -9.63 -0.02
CA ASP A 20 -4.68 -9.96 0.17
C ASP A 20 -5.65 -9.13 -0.73
N ALA A 21 -5.28 -7.93 -1.22
CA ALA A 21 -6.20 -7.11 -2.03
C ALA A 21 -5.73 -7.01 -3.49
N GLY A 22 -5.01 -5.94 -3.88
CA GLY A 22 -4.58 -5.78 -5.28
C GLY A 22 -3.13 -5.31 -5.39
N MET A 23 -2.95 -3.98 -5.40
CA MET A 23 -1.62 -3.36 -5.55
C MET A 23 -1.57 -2.01 -4.82
N ARG A 24 -2.36 -1.02 -5.27
CA ARG A 24 -2.27 0.33 -4.68
C ARG A 24 -3.59 1.16 -4.66
N PHE A 25 -3.38 2.23 -3.90
CA PHE A 25 -4.25 3.41 -3.73
C PHE A 25 -3.52 4.43 -2.79
N GLY A 26 -2.73 4.00 -1.78
CA GLY A 26 -2.02 4.96 -0.90
C GLY A 26 -0.93 4.34 0.01
N LYS A 27 0.29 4.89 -0.10
CA LYS A 27 1.52 4.53 0.68
C LYS A 27 2.01 3.07 0.52
N CYS A 28 3.32 2.92 0.71
CA CYS A 28 4.01 1.63 0.68
C CYS A 28 4.98 1.60 1.88
N MET A 29 4.51 1.07 3.04
CA MET A 29 5.32 0.94 4.30
C MET A 29 5.08 2.17 5.21
N ASN A 30 4.80 1.85 6.49
CA ASN A 30 4.32 2.83 7.53
C ASN A 30 2.81 2.49 7.39
N ARG A 31 2.30 2.89 6.24
CA ARG A 31 0.99 2.51 5.76
C ARG A 31 1.37 1.53 4.64
N LYS A 32 0.87 0.33 4.85
CA LYS A 32 1.05 -0.81 3.92
C LYS A 32 -0.29 -0.59 3.20
N CYS A 33 -0.12 -0.50 1.90
CA CYS A 33 -1.07 0.12 0.98
C CYS A 33 -2.56 0.02 1.31
N HIS A 34 -3.22 1.04 0.76
CA HIS A 34 -4.69 1.11 0.77
C HIS A 34 -4.75 0.46 -0.62
N CYS A 35 -4.76 -0.88 -0.62
CA CYS A 35 -4.58 -1.66 -1.83
C CYS A 35 -5.96 -1.92 -2.42
N THR A 36 -6.41 -0.92 -3.21
CA THR A 36 -7.76 -0.96 -3.82
C THR A 36 -7.70 -0.46 -5.29
N PRO A 37 -7.24 -1.26 -6.28
CA PRO A 37 -7.10 -0.77 -7.67
C PRO A 37 -8.30 -1.16 -8.55
N GLY A 1 -0.80 9.48 11.03
CA GLY A 1 -0.85 8.08 11.48
C GLY A 1 -0.39 7.14 10.37
N VAL A 2 -1.36 6.60 9.62
CA VAL A 2 -1.06 5.71 8.46
C VAL A 2 -1.59 6.31 7.14
N GLU A 3 -1.13 7.52 6.85
CA GLU A 3 -1.49 8.20 5.59
C GLU A 3 -0.28 9.01 5.13
N ILE A 4 0.79 8.37 4.65
CA ILE A 4 2.00 9.16 4.29
C ILE A 4 2.13 9.32 2.75
N ASN A 5 1.05 9.13 1.98
CA ASN A 5 1.14 9.13 0.51
C ASN A 5 -0.24 9.15 -0.19
N VAL A 6 -0.18 9.43 -1.49
CA VAL A 6 -1.36 9.39 -2.37
C VAL A 6 -0.84 8.55 -3.58
N LYS A 7 -1.19 7.26 -3.59
CA LYS A 7 -0.79 6.28 -4.63
C LYS A 7 0.74 6.01 -4.69
N CYS A 8 1.11 4.74 -4.48
CA CYS A 8 2.51 4.29 -4.51
C CYS A 8 2.47 2.78 -4.73
N SER A 9 2.95 2.35 -5.89
CA SER A 9 2.95 0.91 -6.22
C SER A 9 4.26 0.19 -5.85
N GLY A 10 4.65 0.25 -4.55
CA GLY A 10 5.79 -0.51 -4.06
C GLY A 10 5.06 -1.68 -3.39
N SER A 11 4.56 -2.59 -4.23
CA SER A 11 3.76 -3.75 -3.77
C SER A 11 4.57 -4.54 -2.74
N PRO A 12 5.47 -5.54 -2.88
CA PRO A 12 6.22 -6.10 -1.72
C PRO A 12 7.10 -5.02 -1.06
N GLN A 13 6.35 -4.41 -0.15
CA GLN A 13 6.66 -3.23 0.64
C GLN A 13 5.33 -2.96 1.36
N CYS A 14 4.26 -2.62 0.64
CA CYS A 14 2.94 -2.49 1.26
C CYS A 14 2.21 -3.81 0.99
N LEU A 15 2.13 -4.16 -0.29
CA LEU A 15 1.46 -5.38 -0.69
C LEU A 15 2.13 -6.63 -0.09
N LYS A 16 3.35 -6.63 0.51
CA LYS A 16 3.81 -7.89 1.19
C LYS A 16 2.77 -8.10 2.34
N PRO A 17 2.65 -7.27 3.39
CA PRO A 17 1.56 -7.43 4.39
C PRO A 17 0.12 -7.44 3.78
N CYS A 18 -0.16 -6.68 2.70
CA CYS A 18 -1.48 -6.69 2.04
C CYS A 18 -1.49 -7.53 0.73
N LYS A 19 -0.79 -8.67 0.59
CA LYS A 19 -0.95 -9.49 -0.67
C LYS A 19 -2.16 -10.43 -0.47
N ASP A 20 -3.23 -9.66 -0.30
CA ASP A 20 -4.60 -10.10 -0.04
C ASP A 20 -5.62 -9.23 -0.84
N ALA A 21 -5.27 -8.00 -1.28
CA ALA A 21 -6.21 -7.14 -2.02
C ALA A 21 -5.79 -7.03 -3.50
N GLY A 22 -5.01 -6.01 -3.90
CA GLY A 22 -4.61 -5.85 -5.31
C GLY A 22 -3.13 -5.49 -5.45
N MET A 23 -2.90 -4.18 -5.48
CA MET A 23 -1.55 -3.60 -5.62
C MET A 23 -1.48 -2.36 -4.73
N ARG A 24 -2.17 -1.27 -5.10
CA ARG A 24 -2.09 -0.03 -4.28
C ARG A 24 -3.28 0.94 -4.47
N PHE A 25 -3.08 2.08 -3.77
CA PHE A 25 -3.92 3.31 -3.82
C PHE A 25 -3.45 4.30 -2.70
N GLY A 26 -2.73 3.87 -1.66
CA GLY A 26 -2.25 4.80 -0.63
C GLY A 26 -1.09 4.25 0.24
N LYS A 27 0.10 4.81 0.01
CA LYS A 27 1.37 4.51 0.73
C LYS A 27 1.89 3.06 0.60
N CYS A 28 3.21 2.93 0.50
CA CYS A 28 3.91 1.63 0.45
C CYS A 28 4.84 1.52 1.68
N MET A 29 4.30 1.00 2.81
CA MET A 29 5.03 0.82 4.09
C MET A 29 5.05 2.11 4.95
N ASN A 30 4.82 1.88 6.25
CA ASN A 30 4.51 2.92 7.29
C ASN A 30 2.99 2.63 7.33
N ARG A 31 2.36 3.03 6.21
CA ARG A 31 1.00 2.65 5.87
C ARG A 31 1.32 1.65 4.73
N LYS A 32 0.81 0.46 4.93
CA LYS A 32 0.96 -0.64 3.97
C LYS A 32 -0.39 -0.45 3.27
N CYS A 33 -0.24 -0.45 1.97
CA CYS A 33 -1.22 0.10 1.04
C CYS A 33 -2.70 0.00 1.37
N HIS A 34 -3.35 1.01 0.78
CA HIS A 34 -4.82 1.09 0.77
C HIS A 34 -4.81 0.44 -0.64
N CYS A 35 -4.82 -0.90 -0.63
CA CYS A 35 -4.56 -1.69 -1.83
C CYS A 35 -5.90 -1.95 -2.52
N THR A 36 -6.27 -0.92 -3.31
CA THR A 36 -7.56 -0.90 -4.01
C THR A 36 -7.21 -0.32 -5.40
N PRO A 37 -6.66 -1.09 -6.35
CA PRO A 37 -6.24 -0.54 -7.65
C PRO A 37 -7.38 0.02 -8.53
N GLY A 1 -1.60 6.79 12.60
CA GLY A 1 -1.48 7.58 11.37
C GLY A 1 -0.92 6.74 10.22
N VAL A 2 -1.82 6.23 9.37
CA VAL A 2 -1.41 5.39 8.21
C VAL A 2 -2.04 5.94 6.91
N GLU A 3 -1.71 7.19 6.59
CA GLU A 3 -2.20 7.84 5.36
C GLU A 3 -1.04 8.68 4.81
N ILE A 4 0.02 8.02 4.32
CA ILE A 4 1.19 8.81 3.83
C ILE A 4 1.21 8.77 2.27
N ASN A 5 0.03 8.54 1.68
CA ASN A 5 -0.07 8.21 0.27
C ASN A 5 -0.22 9.34 -0.76
N VAL A 6 0.66 9.25 -1.75
CA VAL A 6 0.64 10.13 -2.94
C VAL A 6 0.92 9.20 -4.14
N LYS A 7 0.15 8.10 -4.21
CA LYS A 7 0.25 7.05 -5.25
C LYS A 7 1.58 6.27 -5.07
N CYS A 8 1.51 4.99 -4.69
CA CYS A 8 2.73 4.21 -4.48
C CYS A 8 2.47 2.72 -4.73
N SER A 9 2.90 2.25 -5.90
CA SER A 9 2.76 0.82 -6.24
C SER A 9 4.08 0.06 -6.02
N GLY A 10 4.61 0.07 -4.79
CA GLY A 10 5.82 -0.70 -4.46
C GLY A 10 5.21 -1.91 -3.75
N SER A 11 4.66 -2.81 -4.57
CA SER A 11 3.95 -4.02 -4.10
C SER A 11 4.72 -4.75 -2.97
N PRO A 12 5.69 -5.69 -3.01
CA PRO A 12 6.35 -6.16 -1.75
C PRO A 12 7.17 -5.03 -1.09
N GLN A 13 6.36 -4.33 -0.29
CA GLN A 13 6.66 -3.11 0.45
C GLN A 13 5.33 -2.59 1.04
N CYS A 14 4.32 -2.48 0.18
CA CYS A 14 2.94 -2.12 0.56
C CYS A 14 2.17 -3.47 0.62
N LEU A 15 2.17 -4.09 -0.57
CA LEU A 15 1.49 -5.35 -0.82
C LEU A 15 2.10 -6.55 -0.11
N LYS A 16 3.36 -6.64 0.33
CA LYS A 16 3.75 -7.87 1.08
C LYS A 16 2.83 -7.93 2.34
N PRO A 17 2.77 -6.96 3.28
CA PRO A 17 1.76 -7.02 4.36
C PRO A 17 0.30 -6.99 3.81
N CYS A 18 -0.01 -6.30 2.69
CA CYS A 18 -1.37 -6.39 2.09
C CYS A 18 -1.39 -7.36 0.89
N LYS A 19 -0.86 -8.56 1.09
CA LYS A 19 -0.93 -9.63 0.03
C LYS A 19 -2.29 -10.34 0.23
N ASP A 20 -3.30 -9.47 0.14
CA ASP A 20 -4.70 -9.78 0.40
C ASP A 20 -5.71 -9.11 -0.57
N ALA A 21 -5.45 -7.92 -1.14
CA ALA A 21 -6.44 -7.25 -2.02
C ALA A 21 -5.97 -7.03 -3.47
N GLY A 22 -5.25 -5.96 -3.81
CA GLY A 22 -4.85 -5.71 -5.20
C GLY A 22 -3.39 -5.28 -5.35
N MET A 23 -3.21 -3.96 -5.38
CA MET A 23 -1.88 -3.36 -5.56
C MET A 23 -1.75 -2.11 -4.67
N ARG A 24 -2.46 -1.01 -5.00
CA ARG A 24 -2.28 0.23 -4.22
C ARG A 24 -3.47 1.23 -4.16
N PHE A 25 -3.14 2.27 -3.39
CA PHE A 25 -3.90 3.53 -3.16
C PHE A 25 -3.19 4.16 -1.92
N GLY A 26 -3.18 3.48 -0.77
CA GLY A 26 -2.48 3.96 0.44
C GLY A 26 -0.98 3.68 0.32
N LYS A 27 -0.15 4.46 1.04
CA LYS A 27 1.34 4.41 0.95
C LYS A 27 1.99 3.01 1.06
N CYS A 28 3.27 2.94 0.72
CA CYS A 28 4.08 1.71 0.80
C CYS A 28 5.08 1.86 1.96
N MET A 29 4.74 1.21 3.09
CA MET A 29 5.57 1.27 4.34
C MET A 29 5.22 2.55 5.12
N ASN A 30 4.92 2.35 6.41
CA ASN A 30 4.31 3.36 7.33
C ASN A 30 2.87 2.80 7.26
N ARG A 31 2.28 2.98 6.07
CA ARG A 31 1.06 2.32 5.67
C ARG A 31 1.63 1.32 4.66
N LYS A 32 1.15 0.11 4.78
CA LYS A 32 1.45 -1.00 3.85
C LYS A 32 0.13 -0.85 3.08
N CYS A 33 0.21 -0.74 1.75
CA CYS A 33 -0.91 -0.11 1.00
C CYS A 33 -2.39 -0.25 1.42
N HIS A 34 -3.14 0.79 0.98
CA HIS A 34 -4.63 0.76 1.10
C HIS A 34 -4.76 0.26 -0.34
N CYS A 35 -4.92 -1.05 -0.46
CA CYS A 35 -4.84 -1.73 -1.77
C CYS A 35 -6.24 -1.79 -2.38
N THR A 36 -6.55 -0.67 -3.06
CA THR A 36 -7.87 -0.48 -3.70
C THR A 36 -7.61 0.15 -5.08
N PRO A 37 -7.21 -0.59 -6.13
CA PRO A 37 -6.85 0.01 -7.42
C PRO A 37 -7.86 -0.31 -8.54
N GLY A 1 -1.40 7.83 11.26
CA GLY A 1 -1.43 6.36 11.33
C GLY A 1 -0.79 5.76 10.07
N VAL A 2 -1.63 5.41 9.09
CA VAL A 2 -1.14 4.84 7.81
C VAL A 2 -1.39 5.83 6.66
N GLU A 3 -0.76 7.00 6.73
CA GLU A 3 -0.98 8.04 5.67
C GLU A 3 0.32 8.80 5.37
N ILE A 4 1.33 8.17 4.77
CA ILE A 4 2.60 8.92 4.51
C ILE A 4 2.79 9.32 3.03
N ASN A 5 1.85 8.98 2.14
CA ASN A 5 2.00 9.26 0.70
C ASN A 5 0.66 9.23 -0.05
N VAL A 6 0.69 9.69 -1.30
CA VAL A 6 -0.49 9.69 -2.19
C VAL A 6 -0.02 8.97 -3.47
N LYS A 7 -0.73 7.89 -3.84
CA LYS A 7 -0.42 7.04 -5.02
C LYS A 7 1.03 6.48 -4.94
N CYS A 8 1.17 5.22 -4.50
CA CYS A 8 2.50 4.60 -4.37
C CYS A 8 2.33 3.10 -4.52
N SER A 9 2.77 2.61 -5.68
CA SER A 9 2.72 1.16 -5.93
C SER A 9 4.10 0.55 -5.57
N GLY A 10 4.48 0.65 -4.29
CA GLY A 10 5.70 0.02 -3.80
C GLY A 10 5.09 -1.22 -3.17
N SER A 11 4.84 -2.19 -4.04
CA SER A 11 4.17 -3.46 -3.67
C SER A 11 4.98 -4.14 -2.55
N PRO A 12 5.98 -5.05 -2.56
CA PRO A 12 6.67 -5.49 -1.31
C PRO A 12 7.30 -4.29 -0.57
N GLN A 13 6.38 -3.84 0.28
CA GLN A 13 6.41 -2.63 1.09
C GLN A 13 4.99 -2.58 1.64
N CYS A 14 4.03 -2.32 0.75
CA CYS A 14 2.65 -2.34 1.14
C CYS A 14 2.13 -3.72 0.79
N LEU A 15 2.23 -4.07 -0.50
CA LEU A 15 1.74 -5.35 -0.97
C LEU A 15 2.33 -6.54 -0.17
N LYS A 16 3.44 -6.45 0.58
CA LYS A 16 3.82 -7.63 1.42
C LYS A 16 2.61 -7.89 2.39
N PRO A 17 2.27 -7.17 3.49
CA PRO A 17 1.02 -7.47 4.23
C PRO A 17 -0.30 -7.27 3.43
N CYS A 18 -0.29 -6.49 2.33
CA CYS A 18 -1.47 -6.29 1.47
C CYS A 18 -1.59 -7.37 0.36
N LYS A 19 -0.77 -8.45 0.28
CA LYS A 19 -1.00 -9.50 -0.78
C LYS A 19 -2.10 -10.49 -0.32
N ASP A 20 -3.20 -9.78 -0.08
CA ASP A 20 -4.50 -10.24 0.40
C ASP A 20 -5.60 -9.32 -0.23
N ALA A 21 -5.31 -8.02 -0.48
CA ALA A 21 -6.27 -7.06 -1.07
C ALA A 21 -6.01 -6.98 -2.60
N GLY A 22 -5.20 -6.03 -3.09
CA GLY A 22 -4.93 -5.92 -4.54
C GLY A 22 -3.44 -5.67 -4.84
N MET A 23 -3.15 -4.38 -5.05
CA MET A 23 -1.80 -3.88 -5.39
C MET A 23 -1.70 -2.49 -4.76
N ARG A 24 -2.43 -1.50 -5.30
CA ARG A 24 -2.39 -0.14 -4.72
C ARG A 24 -3.70 0.68 -4.95
N PHE A 25 -3.50 1.88 -4.46
CA PHE A 25 -4.39 3.07 -4.54
C PHE A 25 -3.56 4.25 -3.95
N GLY A 26 -2.88 4.02 -2.81
CA GLY A 26 -2.03 5.04 -2.19
C GLY A 26 -1.14 4.46 -1.06
N LYS A 27 0.03 5.10 -0.92
CA LYS A 27 1.04 4.84 0.14
C LYS A 27 1.65 3.40 0.26
N CYS A 28 2.94 3.32 0.64
CA CYS A 28 3.67 2.02 0.75
C CYS A 28 4.64 1.85 1.97
N MET A 29 4.31 0.90 2.89
CA MET A 29 5.11 0.53 4.10
C MET A 29 5.36 1.61 5.17
N ASN A 30 4.98 1.23 6.40
CA ASN A 30 4.82 2.15 7.59
C ASN A 30 3.26 2.20 7.55
N ARG A 31 2.84 2.74 6.39
CA ARG A 31 1.51 2.80 5.90
C ARG A 31 1.52 1.69 4.82
N LYS A 32 0.83 0.57 5.03
CA LYS A 32 0.86 -0.57 4.06
C LYS A 32 -0.42 -0.33 3.26
N CYS A 33 -0.30 -0.53 1.95
CA CYS A 33 -1.22 0.03 0.93
C CYS A 33 -2.72 0.14 1.24
N HIS A 34 -3.27 1.12 0.51
CA HIS A 34 -4.74 1.32 0.46
C HIS A 34 -4.82 0.52 -0.86
N CYS A 35 -4.94 -0.80 -0.70
CA CYS A 35 -4.82 -1.76 -1.79
C CYS A 35 -6.22 -2.01 -2.37
N THR A 36 -6.62 -1.03 -3.17
CA THR A 36 -7.96 -1.00 -3.79
C THR A 36 -7.78 -0.59 -5.27
N PRO A 37 -7.41 -1.51 -6.20
CA PRO A 37 -7.12 -1.12 -7.60
C PRO A 37 -8.26 -1.49 -8.55
N GLY A 1 -0.44 9.22 11.50
CA GLY A 1 -0.76 7.81 11.79
C GLY A 1 -0.31 6.90 10.64
N VAL A 2 -1.25 6.58 9.75
CA VAL A 2 -0.95 5.73 8.57
C VAL A 2 -1.43 6.41 7.27
N GLU A 3 -0.89 7.59 7.00
CA GLU A 3 -1.25 8.33 5.77
C GLU A 3 -0.03 9.05 5.19
N ILE A 4 0.97 8.32 4.65
CA ILE A 4 2.13 9.04 4.04
C ILE A 4 1.95 8.87 2.50
N ASN A 5 0.71 9.02 2.04
CA ASN A 5 0.37 8.61 0.69
C ASN A 5 0.03 9.69 -0.34
N VAL A 6 0.84 9.67 -1.41
CA VAL A 6 0.61 10.51 -2.59
C VAL A 6 0.89 9.54 -3.75
N LYS A 7 0.04 8.49 -3.83
CA LYS A 7 0.13 7.38 -4.82
C LYS A 7 1.51 6.67 -4.75
N CYS A 8 1.53 5.42 -4.27
CA CYS A 8 2.80 4.70 -4.15
C CYS A 8 2.54 3.20 -4.32
N SER A 9 2.89 2.69 -5.50
CA SER A 9 2.71 1.26 -5.79
C SER A 9 4.03 0.48 -5.60
N GLY A 10 4.51 0.44 -4.35
CA GLY A 10 5.68 -0.38 -4.02
C GLY A 10 4.96 -1.57 -3.39
N SER A 11 4.47 -2.46 -4.26
CA SER A 11 3.69 -3.65 -3.83
C SER A 11 4.53 -4.43 -2.80
N PRO A 12 5.50 -5.36 -2.96
CA PRO A 12 6.25 -5.91 -1.80
C PRO A 12 7.07 -4.80 -1.09
N GLN A 13 6.29 -4.24 -0.18
CA GLN A 13 6.57 -3.07 0.66
C GLN A 13 5.23 -2.86 1.38
N CYS A 14 4.16 -2.57 0.62
CA CYS A 14 2.82 -2.48 1.21
C CYS A 14 2.15 -3.82 0.97
N LEU A 15 2.08 -4.18 -0.32
CA LEU A 15 1.45 -5.40 -0.74
C LEU A 15 2.11 -6.63 -0.10
N LYS A 16 3.37 -6.63 0.41
CA LYS A 16 3.83 -7.87 1.12
C LYS A 16 2.84 -8.09 2.31
N PRO A 17 2.69 -7.23 3.36
CA PRO A 17 1.64 -7.42 4.38
C PRO A 17 0.18 -7.47 3.81
N CYS A 18 -0.13 -6.73 2.73
CA CYS A 18 -1.46 -6.79 2.08
C CYS A 18 -1.40 -7.69 0.82
N LYS A 19 -0.75 -8.88 0.87
CA LYS A 19 -0.76 -9.83 -0.29
C LYS A 19 -2.07 -10.66 -0.21
N ASP A 20 -3.13 -9.86 -0.12
CA ASP A 20 -4.51 -10.28 0.08
C ASP A 20 -5.53 -9.43 -0.75
N ALA A 21 -5.21 -8.19 -1.16
CA ALA A 21 -6.18 -7.36 -1.90
C ALA A 21 -5.78 -7.22 -3.39
N GLY A 22 -5.07 -6.16 -3.79
CA GLY A 22 -4.70 -5.98 -5.20
C GLY A 22 -3.26 -5.52 -5.37
N MET A 23 -3.10 -4.19 -5.44
CA MET A 23 -1.77 -3.57 -5.65
C MET A 23 -1.73 -2.21 -4.93
N ARG A 24 -2.51 -1.22 -5.38
CA ARG A 24 -2.45 0.12 -4.79
C ARG A 24 -3.79 0.90 -4.80
N PHE A 25 -3.62 2.02 -4.10
CA PHE A 25 -4.56 3.15 -3.95
C PHE A 25 -3.85 4.22 -3.05
N GLY A 26 -3.03 3.81 -2.04
CA GLY A 26 -2.31 4.78 -1.20
C GLY A 26 -1.26 4.18 -0.24
N LYS A 27 -0.02 4.69 -0.38
CA LYS A 27 1.15 4.39 0.49
C LYS A 27 1.77 2.98 0.31
N CYS A 28 3.08 2.90 0.58
CA CYS A 28 3.84 1.64 0.56
C CYS A 28 4.78 1.58 1.80
N MET A 29 4.31 1.06 2.97
CA MET A 29 5.14 0.93 4.22
C MET A 29 4.96 2.13 5.17
N ASN A 30 4.78 1.78 6.46
CA ASN A 30 4.39 2.73 7.56
C ASN A 30 2.87 2.44 7.52
N ARG A 31 2.28 2.87 6.41
CA ARG A 31 0.94 2.50 6.02
C ARG A 31 1.26 1.55 4.86
N LYS A 32 0.70 0.37 4.98
CA LYS A 32 0.86 -0.69 3.97
C LYS A 32 -0.45 -0.43 3.21
N CYS A 33 -0.30 -0.50 1.90
CA CYS A 33 -1.24 0.03 0.93
C CYS A 33 -2.72 -0.07 1.28
N HIS A 34 -3.41 0.90 0.68
CA HIS A 34 -4.87 0.93 0.70
C HIS A 34 -4.90 0.25 -0.69
N CYS A 35 -4.88 -1.08 -0.65
CA CYS A 35 -4.65 -1.89 -1.85
C CYS A 35 -5.99 -2.24 -2.51
N THR A 36 -6.48 -1.24 -3.25
CA THR A 36 -7.78 -1.37 -3.95
C THR A 36 -7.61 -0.74 -5.36
N PRO A 37 -7.20 -1.50 -6.41
CA PRO A 37 -6.98 -0.92 -7.74
C PRO A 37 -8.27 -0.92 -8.58
N GLY A 1 -0.73 7.24 13.19
CA GLY A 1 -0.93 8.00 11.95
C GLY A 1 -0.26 7.30 10.77
N VAL A 2 -1.04 6.54 10.00
CA VAL A 2 -0.52 5.82 8.83
C VAL A 2 -1.13 6.43 7.55
N GLU A 3 -0.63 7.62 7.18
CA GLU A 3 -1.11 8.32 5.96
C GLU A 3 0.10 8.95 5.28
N ILE A 4 0.91 8.21 4.51
CA ILE A 4 2.12 8.87 3.94
C ILE A 4 2.01 9.19 2.42
N ASN A 5 0.91 8.82 1.76
CA ASN A 5 0.79 8.99 0.30
C ASN A 5 -0.59 8.58 -0.24
N VAL A 6 -0.89 8.98 -1.47
CA VAL A 6 -2.13 8.51 -2.15
C VAL A 6 -1.81 8.11 -3.62
N LYS A 7 -0.67 7.45 -3.79
CA LYS A 7 -0.14 6.96 -5.09
C LYS A 7 1.25 6.34 -4.78
N CYS A 8 1.35 5.00 -4.73
CA CYS A 8 2.66 4.35 -4.51
C CYS A 8 2.49 2.86 -4.74
N SER A 9 3.03 2.37 -5.85
CA SER A 9 2.95 0.93 -6.17
C SER A 9 4.24 0.18 -5.78
N GLY A 10 4.62 0.22 -4.48
CA GLY A 10 5.76 -0.56 -3.99
C GLY A 10 5.02 -1.73 -3.34
N SER A 11 4.52 -2.64 -4.20
CA SER A 11 3.71 -3.79 -3.78
C SER A 11 4.49 -4.60 -2.72
N PRO A 12 5.37 -5.63 -2.83
CA PRO A 12 6.08 -6.17 -1.64
C PRO A 12 6.96 -5.10 -0.98
N GLN A 13 6.22 -4.47 -0.07
CA GLN A 13 6.57 -3.29 0.71
C GLN A 13 5.25 -2.99 1.45
N CYS A 14 4.20 -2.66 0.69
CA CYS A 14 2.87 -2.47 1.27
C CYS A 14 2.10 -3.76 1.04
N LEU A 15 2.03 -4.14 -0.24
CA LEU A 15 1.33 -5.34 -0.63
C LEU A 15 1.93 -6.59 0.03
N LYS A 16 3.17 -6.65 0.57
CA LYS A 16 3.59 -7.89 1.28
C LYS A 16 2.60 -8.05 2.48
N PRO A 17 2.48 -7.15 3.48
CA PRO A 17 1.42 -7.26 4.51
C PRO A 17 -0.03 -7.29 3.93
N CYS A 18 -0.31 -6.57 2.83
CA CYS A 18 -1.63 -6.63 2.15
C CYS A 18 -1.53 -7.56 0.91
N LYS A 19 -0.94 -8.76 1.03
CA LYS A 19 -0.89 -9.73 -0.11
C LYS A 19 -2.25 -10.49 -0.15
N ASP A 20 -3.26 -9.63 -0.15
CA ASP A 20 -4.68 -10.00 -0.07
C ASP A 20 -5.60 -9.13 -0.97
N ALA A 21 -5.20 -7.92 -1.42
CA ALA A 21 -6.10 -7.07 -2.23
C ALA A 21 -5.63 -6.95 -3.70
N GLY A 22 -4.89 -5.91 -4.06
CA GLY A 22 -4.46 -5.72 -5.46
C GLY A 22 -3.00 -5.30 -5.58
N MET A 23 -2.82 -3.99 -5.57
CA MET A 23 -1.49 -3.36 -5.71
C MET A 23 -1.47 -2.11 -4.84
N ARG A 24 -2.17 -1.03 -5.24
CA ARG A 24 -2.14 0.21 -4.43
C ARG A 24 -3.36 1.16 -4.57
N PHE A 25 -3.18 2.25 -3.83
CA PHE A 25 -4.04 3.47 -3.75
C PHE A 25 -3.40 4.33 -2.62
N GLY A 26 -3.01 3.74 -1.48
CA GLY A 26 -2.33 4.44 -0.38
C GLY A 26 -0.88 3.95 -0.23
N LYS A 27 -0.02 4.77 0.43
CA LYS A 27 1.46 4.55 0.62
C LYS A 27 1.99 3.10 0.69
N CYS A 28 3.29 2.94 0.40
CA CYS A 28 3.98 1.64 0.46
C CYS A 28 4.95 1.55 1.69
N MET A 29 4.45 1.09 2.85
CA MET A 29 5.25 0.93 4.13
C MET A 29 5.12 2.17 5.05
N ASN A 30 4.79 1.90 6.32
CA ASN A 30 4.43 2.92 7.36
C ASN A 30 2.90 2.78 7.22
N ARG A 31 2.43 3.24 6.07
CA ARG A 31 1.09 3.02 5.59
C ARG A 31 1.40 1.98 4.52
N LYS A 32 0.86 0.81 4.77
CA LYS A 32 1.01 -0.36 3.87
C LYS A 32 -0.33 -0.18 3.16
N CYS A 33 -0.14 -0.26 1.85
CA CYS A 33 -1.09 0.25 0.86
C CYS A 33 -2.55 0.08 1.17
N HIS A 34 -3.24 1.08 0.63
CA HIS A 34 -4.71 1.05 0.68
C HIS A 34 -4.77 0.48 -0.74
N CYS A 35 -4.73 -0.86 -0.77
CA CYS A 35 -4.48 -1.63 -1.99
C CYS A 35 -5.81 -1.93 -2.70
N THR A 36 -6.20 -0.92 -3.48
CA THR A 36 -7.48 -0.94 -4.23
C THR A 36 -7.21 -0.38 -5.64
N PRO A 37 -6.81 -1.16 -6.66
CA PRO A 37 -6.50 -0.61 -7.99
C PRO A 37 -7.74 -0.56 -8.91
N GLY A 1 -0.98 9.49 11.06
CA GLY A 1 -1.10 8.08 11.50
C GLY A 1 -0.52 7.14 10.44
N VAL A 2 -1.39 6.60 9.59
CA VAL A 2 -0.97 5.70 8.48
C VAL A 2 -1.54 6.19 7.12
N GLU A 3 -1.23 7.45 6.82
CA GLU A 3 -1.66 8.05 5.53
C GLU A 3 -0.55 8.98 5.02
N ILE A 4 0.60 8.44 4.58
CA ILE A 4 1.68 9.35 4.07
C ILE A 4 1.66 9.17 2.53
N ASN A 5 0.47 9.16 1.95
CA ASN A 5 0.30 8.72 0.58
C ASN A 5 -0.18 9.69 -0.52
N VAL A 6 0.49 9.52 -1.66
CA VAL A 6 0.11 10.18 -2.92
C VAL A 6 0.24 9.09 -4.02
N LYS A 7 -0.35 7.91 -3.73
CA LYS A 7 -0.31 6.71 -4.60
C LYS A 7 1.12 6.11 -4.60
N CYS A 8 1.25 4.82 -4.29
CA CYS A 8 2.58 4.19 -4.21
C CYS A 8 2.43 2.70 -4.52
N SER A 9 2.90 2.31 -5.70
CA SER A 9 2.84 0.89 -6.10
C SER A 9 4.18 0.16 -5.87
N GLY A 10 4.69 0.16 -4.62
CA GLY A 10 5.89 -0.60 -4.28
C GLY A 10 5.26 -1.81 -3.59
N SER A 11 4.73 -2.72 -4.43
CA SER A 11 4.00 -3.91 -3.96
C SER A 11 4.79 -4.64 -2.85
N PRO A 12 5.77 -5.56 -2.92
CA PRO A 12 6.43 -6.04 -1.66
C PRO A 12 7.19 -4.90 -0.95
N GLN A 13 6.34 -4.29 -0.12
CA GLN A 13 6.57 -3.08 0.68
C GLN A 13 5.19 -2.64 1.22
N CYS A 14 4.21 -2.52 0.33
CA CYS A 14 2.82 -2.23 0.69
C CYS A 14 2.07 -3.60 0.64
N LEU A 15 2.15 -4.18 -0.57
CA LEU A 15 1.50 -5.42 -0.90
C LEU A 15 2.10 -6.64 -0.21
N LYS A 16 3.38 -6.74 0.23
CA LYS A 16 3.75 -7.99 0.95
C LYS A 16 2.81 -8.11 2.18
N PRO A 17 2.72 -7.14 3.13
CA PRO A 17 1.72 -7.19 4.21
C PRO A 17 0.25 -7.22 3.69
N CYS A 18 -0.11 -6.52 2.59
CA CYS A 18 -1.47 -6.62 2.01
C CYS A 18 -1.46 -7.57 0.78
N LYS A 19 -0.85 -8.77 0.90
CA LYS A 19 -0.89 -9.77 -0.23
C LYS A 19 -2.24 -10.54 -0.11
N ASP A 20 -3.26 -9.69 -0.11
CA ASP A 20 -4.66 -10.06 0.11
C ASP A 20 -5.66 -9.36 -0.85
N ALA A 21 -5.39 -8.14 -1.37
CA ALA A 21 -6.37 -7.44 -2.24
C ALA A 21 -5.89 -7.27 -3.70
N GLY A 22 -5.15 -6.20 -4.04
CA GLY A 22 -4.73 -5.98 -5.43
C GLY A 22 -3.27 -5.56 -5.55
N MET A 23 -3.08 -4.24 -5.58
CA MET A 23 -1.75 -3.63 -5.70
C MET A 23 -1.69 -2.44 -4.74
N ARG A 24 -2.36 -1.34 -5.07
CA ARG A 24 -2.30 -0.14 -4.20
C ARG A 24 -3.51 0.83 -4.35
N PHE A 25 -3.30 1.95 -3.66
CA PHE A 25 -4.12 3.19 -3.64
C PHE A 25 -3.52 4.15 -2.57
N GLY A 26 -2.75 3.69 -1.56
CA GLY A 26 -2.18 4.62 -0.58
C GLY A 26 -1.04 4.07 0.28
N LYS A 27 0.15 4.67 0.09
CA LYS A 27 1.41 4.46 0.83
C LYS A 27 1.98 3.03 0.86
N CYS A 28 3.31 2.95 0.77
CA CYS A 28 4.06 1.68 0.86
C CYS A 28 5.04 1.75 2.05
N MET A 29 4.63 1.12 3.17
CA MET A 29 5.42 1.08 4.44
C MET A 29 5.14 2.36 5.28
N ASN A 30 4.78 2.11 6.55
CA ASN A 30 4.23 3.12 7.50
C ASN A 30 2.77 2.66 7.36
N ARG A 31 2.20 2.98 6.18
CA ARG A 31 0.94 2.40 5.74
C ARG A 31 1.47 1.45 4.66
N LYS A 32 1.05 0.23 4.80
CA LYS A 32 1.36 -0.90 3.90
C LYS A 32 0.02 -0.82 3.16
N CYS A 33 0.11 -0.71 1.83
CA CYS A 33 -1.02 -0.11 1.07
C CYS A 33 -2.50 -0.28 1.48
N HIS A 34 -3.21 0.74 0.97
CA HIS A 34 -4.69 0.79 1.04
C HIS A 34 -4.82 0.21 -0.38
N CYS A 35 -4.98 -1.12 -0.44
CA CYS A 35 -4.90 -1.83 -1.73
C CYS A 35 -6.27 -1.98 -2.39
N THR A 36 -6.62 -0.92 -3.13
CA THR A 36 -7.89 -0.88 -3.87
C THR A 36 -7.60 -0.25 -5.26
N PRO A 37 -7.15 -1.00 -6.28
CA PRO A 37 -6.81 -0.41 -7.59
C PRO A 37 -8.03 -0.19 -8.50
N GLY A 1 -1.42 6.16 12.54
CA GLY A 1 -1.12 7.06 11.41
C GLY A 1 -0.44 6.29 10.27
N VAL A 2 -1.23 5.88 9.28
CA VAL A 2 -0.70 5.15 8.11
C VAL A 2 -1.13 5.85 6.80
N GLU A 3 -0.70 7.10 6.66
CA GLU A 3 -1.02 7.88 5.43
C GLU A 3 0.19 8.76 5.10
N ILE A 4 1.29 8.19 4.61
CA ILE A 4 2.49 9.04 4.35
C ILE A 4 2.72 9.35 2.86
N ASN A 5 1.75 9.05 1.97
CA ASN A 5 1.94 9.26 0.53
C ASN A 5 0.62 9.17 -0.24
N VAL A 6 0.56 9.88 -1.37
CA VAL A 6 -0.61 9.85 -2.26
C VAL A 6 -0.12 9.02 -3.46
N LYS A 7 -0.71 7.83 -3.64
CA LYS A 7 -0.35 6.87 -4.71
C LYS A 7 1.15 6.44 -4.66
N CYS A 8 1.40 5.18 -4.28
CA CYS A 8 2.78 4.65 -4.23
C CYS A 8 2.67 3.16 -4.45
N SER A 9 2.90 2.71 -5.68
CA SER A 9 2.79 1.27 -6.00
C SER A 9 4.11 0.50 -5.76
N GLY A 10 4.55 0.52 -4.49
CA GLY A 10 5.71 -0.27 -4.07
C GLY A 10 4.95 -1.41 -3.39
N SER A 11 4.46 -2.36 -4.19
CA SER A 11 3.65 -3.48 -3.69
C SER A 11 4.44 -4.21 -2.58
N PRO A 12 5.46 -5.08 -2.65
CA PRO A 12 6.14 -5.56 -1.42
C PRO A 12 6.84 -4.39 -0.69
N GLN A 13 5.96 -3.81 0.13
CA GLN A 13 6.11 -2.60 0.93
C GLN A 13 4.69 -2.25 1.43
N CYS A 14 3.75 -2.04 0.50
CA CYS A 14 2.36 -1.77 0.87
C CYS A 14 1.67 -3.13 0.74
N LEU A 15 1.72 -3.67 -0.47
CA LEU A 15 1.15 -4.97 -0.78
C LEU A 15 1.78 -6.16 -0.03
N LYS A 16 3.04 -6.21 0.46
CA LYS A 16 3.46 -7.46 1.17
C LYS A 16 2.54 -7.63 2.41
N PRO A 17 2.48 -6.72 3.40
CA PRO A 17 1.52 -6.85 4.51
C PRO A 17 0.02 -6.80 4.04
N CYS A 18 -0.28 -6.08 2.94
CA CYS A 18 -1.63 -6.01 2.33
C CYS A 18 -1.72 -6.95 1.11
N LYS A 19 -1.14 -8.16 1.21
CA LYS A 19 -1.19 -9.17 0.10
C LYS A 19 -2.55 -9.93 0.16
N ASP A 20 -3.53 -9.04 0.16
CA ASP A 20 -4.97 -9.33 0.28
C ASP A 20 -5.81 -8.65 -0.82
N ALA A 21 -5.24 -7.88 -1.77
CA ALA A 21 -6.04 -7.20 -2.80
C ALA A 21 -5.43 -7.38 -4.21
N GLY A 22 -4.73 -6.36 -4.71
CA GLY A 22 -4.14 -6.41 -6.06
C GLY A 22 -2.73 -5.85 -6.06
N MET A 23 -2.64 -4.52 -6.10
CA MET A 23 -1.35 -3.80 -6.13
C MET A 23 -1.45 -2.53 -5.30
N ARG A 24 -2.29 -1.56 -5.70
CA ARG A 24 -2.36 -0.27 -4.97
C ARG A 24 -3.73 0.47 -5.11
N PHE A 25 -3.68 1.61 -4.44
CA PHE A 25 -4.69 2.70 -4.41
C PHE A 25 -4.02 3.88 -3.64
N GLY A 26 -3.26 3.60 -2.56
CA GLY A 26 -2.54 4.65 -1.82
C GLY A 26 -1.47 4.10 -0.84
N LYS A 27 -0.36 4.87 -0.81
CA LYS A 27 0.82 4.71 0.10
C LYS A 27 1.60 3.36 0.22
N CYS A 28 2.88 3.38 0.69
CA CYS A 28 3.69 2.14 0.86
C CYS A 28 4.69 1.93 2.07
N MET A 29 4.44 0.90 2.90
CA MET A 29 5.32 0.39 4.02
C MET A 29 5.33 1.03 5.43
N ASN A 30 5.63 2.31 5.70
CA ASN A 30 5.38 2.83 7.10
C ASN A 30 3.85 2.63 7.39
N ARG A 31 3.18 2.95 6.28
CA ARG A 31 1.81 2.83 5.98
C ARG A 31 1.76 1.62 5.03
N LYS A 32 1.17 0.49 5.38
CA LYS A 32 1.19 -0.70 4.49
C LYS A 32 -0.17 -0.65 3.80
N CYS A 33 -0.16 -1.00 2.51
CA CYS A 33 -1.24 -0.59 1.61
C CYS A 33 -2.74 -0.41 1.93
N HIS A 34 -3.22 0.60 1.18
CA HIS A 34 -4.66 0.83 1.01
C HIS A 34 -4.63 0.19 -0.42
N CYS A 35 -4.62 -1.15 -0.52
CA CYS A 35 -4.45 -1.81 -1.84
C CYS A 35 -5.84 -2.09 -2.40
N THR A 36 -6.37 -1.16 -3.22
CA THR A 36 -7.73 -1.33 -3.79
C THR A 36 -7.78 -0.91 -5.28
N PRO A 37 -7.20 -1.62 -6.27
CA PRO A 37 -7.26 -1.18 -7.68
C PRO A 37 -8.50 -1.74 -8.40
#